data_7TAS
#
_entry.id   7TAS
#
loop_
_entity.id
_entity.type
_entity.pdbx_description
1 polymer 'S2K146 Fab heavy chain'
2 polymer 'S2K146 Fab light chain'
3 polymer 'Spike glycoprotein'
4 branched 2-acetamido-2-deoxy-beta-D-glucopyranose-(1-4)-[alpha-L-fucopyranose-(1-6)]2-acetamido-2-deoxy-beta-D-glucopyranose
#
loop_
_entity_poly.entity_id
_entity_poly.type
_entity_poly.pdbx_seq_one_letter_code
_entity_poly.pdbx_strand_id
1 'polypeptide(L)'
;QVQLVESGGVVVQPGGSLRLSCAASGFTFHDHTMHWVRQAPGKGLEWVSLITWNGGTIHYSDSVKGRFTISRDNSKNSLY
LQMNSLRTEDTALYYCAKDLGRGGWYLPSDAWGQGTLVTVSS
;
H
2 'polypeptide(L)'
;QSVLTQPPSASGTPGQRVTISCSGSSANIGSNTVNWYQHLPGTAPKLLIYSNNQRPSGVPDRFSGSKSGTSASLAISGLQ
SEDEADYYCAAWDDSLKGVFGGGTKLTVL
;
L
3 'polypeptide(L)'
;MFVFLVLLPLVSSQCVNLTTRTQLPPAYTNSFTRGVYYPDKVFRSSVLHSTQDLFLPFFSNVTWFHAIHVSGTNGTKRFD
NPVLPFNDGVYFASTEKSNIIRGWIFGTTLDSKTQSLLIVNNATNVVIKVCEFQFCNDPFLGVYYHKNNKSWMESEFRVY
SSANNCTFEYVSQPFLMDLEGKQGNFKNLREFVFKNIDGYFKIYSKHTPINLVRDLPQGFSALEPLVDLPIGINITRFQT
LLALHRSYLTPGDSSSGWTAGAAAYYVGYLQPRTFLLKYNENGTITDAVDCALDPLSETKCTLKSFTVEKGIYQTSNFRV
QPTESIVRFPNITNLCPFGEVFNATRFASVYAWNRKRISNCVADYSVLYNSASFSTFKCYGVSPTKLNDLCFTNVYADSF
VIRGDEVRQIAPGQTGKIADYNYKLPDDFTGCVIAWNSNNLDSKVGGNYNYLYRLFRKSNLKPFERDISTEIYQAGSTPC
NGVEGFNCYFPLQSYGFQPTNGVGYQPYRVVVLSFELLHAPATVCGPKKSTNLVKNKCVNFNFNGLTGTGVLTESNKKFL
PFQQFGRDIADTTDAVRDPQTLEILDITPCSFGGVSVITPGTNTSNQVAVLYQDVNCTEVPVAIHADQLTPTWRVYSTGS
NVFQTRAGCLIGAEHVNNSYECDIPIGAGICASYQTQTNSPGSASSVASQSIIAYTMSLGAENSVAYSNNSIAIPTNFTI
SVTTEILPVSMTKTSVDCTMYICGDSTECSNLLLQYGSFCTQLNRALTGIAVEQDKNTQEVFAQVKQIYKTPPIKDFGGF
NFSQILPDPSKPSKRSPIEDLLFNKVTLADAGFIKQYGDCLGDIAARDLICAQKFNGLTVLPPLLTDEMIAQYTSALLAG
TITSGWTFGAGPALQIPFPMQMAYRFNGIGVTQNVLYENQKLIANQFNSAIGKIQDSLSSTPSALGKLQDVVNQNAQALN
TLVKQLSSNFGAISSVLNDILSRLDPPEAEVQIDRLITGRLQSLQTYVTQQLIRAAEIRASANLAATKMSECVLGQSKRV
DFCGKGYHLMSFPQSAPHGVVFLHVTYVPAQEKNFTTAPAICHDGKAHFPREGVFVSNGTHWFVTQRNFYEPQIITTDNT
FVSGNCDVVIGIVNNTVYDPLQPELDSFKEELDKYFKNHTSPDVDLGDISGINASVVNIQKEIDRLNEVAKNLNESLIDL
QELGKYEQGSGYIPEAPRDGQAYVRKDGEWVLLSTFLGRSLEVLFQGPGHHHHHHHHSAWSHPQFEKGGGSGGGGSGGSA
WSHPQFEK
;
E
#
loop_
_chem_comp.id
_chem_comp.type
_chem_comp.name
_chem_comp.formula
FUC L-saccharide, alpha linking alpha-L-fucopyranose 'C6 H12 O5'
NAG D-saccharide, beta linking 2-acetamido-2-deoxy-beta-D-glucopyranose 'C8 H15 N O6'
#
# COMPACT_ATOMS: atom_id res chain seq x y z
N GLN A 1 -6.29 3.26 6.25
CA GLN A 1 -6.79 4.61 6.49
C GLN A 1 -5.66 5.46 7.05
N VAL A 2 -4.64 5.73 6.23
CA VAL A 2 -3.43 6.41 6.66
C VAL A 2 -3.52 7.93 6.57
N GLN A 3 -3.20 8.60 7.67
CA GLN A 3 -3.22 10.06 7.66
C GLN A 3 -1.90 10.65 8.11
N LEU A 4 -1.58 11.78 7.51
CA LEU A 4 -0.42 12.58 7.85
C LEU A 4 -0.82 14.04 7.90
N VAL A 5 -0.54 14.70 9.02
CA VAL A 5 -0.97 16.09 9.19
C VAL A 5 0.18 17.04 9.50
N GLU A 6 0.43 17.96 8.58
CA GLU A 6 1.52 18.92 8.70
C GLU A 6 1.07 20.26 9.30
N SER A 7 1.94 20.87 10.09
CA SER A 7 1.72 22.21 10.64
C SER A 7 3.01 23.02 10.71
N GLY A 8 2.89 24.30 11.07
CA GLY A 8 4.06 25.20 11.06
C GLY A 8 4.10 26.07 9.80
N GLY A 9 3.00 26.15 9.07
CA GLY A 9 2.93 26.93 7.82
C GLY A 9 2.80 28.43 8.08
N VAL A 10 3.91 29.07 8.45
CA VAL A 10 3.92 30.50 8.75
C VAL A 10 4.95 31.25 7.92
N VAL A 11 4.84 32.57 7.86
CA VAL A 11 5.78 33.36 7.07
C VAL A 11 6.93 33.88 7.91
N VAL A 12 8.14 33.57 7.50
CA VAL A 12 9.35 33.98 8.19
C VAL A 12 10.21 34.87 7.33
N GLN A 13 10.71 35.96 7.89
CA GLN A 13 11.55 36.88 7.17
C GLN A 13 12.83 36.15 6.75
N PRO A 14 13.34 36.34 5.53
CA PRO A 14 14.49 35.65 5.00
C PRO A 14 15.62 35.75 5.99
N GLY A 15 16.40 34.68 6.11
CA GLY A 15 17.51 34.67 7.04
C GLY A 15 17.08 34.22 8.44
N GLY A 16 15.78 33.97 8.64
CA GLY A 16 15.26 33.51 9.92
C GLY A 16 15.18 31.97 9.96
N SER A 17 14.46 31.42 10.95
CA SER A 17 14.30 29.96 11.05
C SER A 17 12.84 29.55 11.28
N LEU A 18 12.53 28.27 10.99
CA LEU A 18 11.18 27.70 11.18
C LEU A 18 11.20 26.17 11.45
N ARG A 19 10.32 25.68 12.33
CA ARG A 19 10.18 24.23 12.53
C ARG A 19 8.80 23.73 12.11
N LEU A 20 8.78 22.64 11.34
CA LEU A 20 7.52 21.99 10.93
C LEU A 20 7.35 20.70 11.70
N SER A 21 6.12 20.24 11.80
CA SER A 21 5.81 19.02 12.53
C SER A 21 4.67 18.25 11.83
N CYS A 22 4.87 16.92 11.69
CA CYS A 22 3.93 16.06 10.91
C CYS A 22 3.43 14.87 11.74
N ALA A 23 2.23 15.07 12.28
CA ALA A 23 1.60 14.03 13.06
C ALA A 23 1.18 12.88 12.17
N ALA A 24 1.43 11.66 12.63
CA ALA A 24 1.11 10.51 11.81
C ALA A 24 0.17 9.59 12.55
N SER A 25 -0.68 8.89 11.80
CA SER A 25 -1.59 7.91 12.39
C SER A 25 -2.08 6.93 11.33
N GLY A 26 -2.68 5.82 11.76
CA GLY A 26 -3.25 4.85 10.84
C GLY A 26 -2.25 3.79 10.38
N PHE A 27 -0.99 3.90 10.80
CA PHE A 27 0.02 2.91 10.44
C PHE A 27 1.08 2.81 11.52
N THR A 28 1.90 1.77 11.44
CA THR A 28 3.02 1.67 12.36
C THR A 28 4.00 2.79 12.07
N PHE A 29 4.38 3.52 13.10
CA PHE A 29 5.28 4.65 12.90
C PHE A 29 6.73 4.26 13.18
N HIS A 30 6.95 3.55 14.28
CA HIS A 30 8.31 3.27 14.73
C HIS A 30 9.09 2.37 13.81
N ASP A 31 8.41 1.59 12.98
CA ASP A 31 9.13 0.74 12.04
C ASP A 31 9.23 1.35 10.65
N HIS A 32 8.78 2.58 10.46
CA HIS A 32 8.85 3.16 9.12
C HIS A 32 9.84 4.29 8.97
N THR A 33 10.45 4.35 7.79
CA THR A 33 11.24 5.47 7.31
C THR A 33 10.33 6.57 6.78
N MET A 34 10.67 7.84 7.02
CA MET A 34 9.88 8.90 6.41
C MET A 34 10.70 9.96 5.73
N HIS A 35 10.02 10.78 4.93
CA HIS A 35 10.66 11.77 4.07
C HIS A 35 9.95 13.14 4.14
N TRP A 36 10.69 14.21 3.80
CA TRP A 36 10.05 15.47 3.45
C TRP A 36 10.26 15.77 1.99
N VAL A 37 9.23 16.36 1.41
CA VAL A 37 9.21 16.69 0.00
C VAL A 37 8.56 18.06 -0.18
N ARG A 38 9.16 18.93 -1.00
CA ARG A 38 8.59 20.26 -1.17
C ARG A 38 8.23 20.56 -2.61
N GLN A 39 7.21 21.39 -2.77
CA GLN A 39 6.83 21.87 -4.10
C GLN A 39 6.91 23.39 -4.19
N ALA A 40 7.87 23.88 -4.95
CA ALA A 40 7.96 25.32 -5.16
C ALA A 40 6.77 25.71 -6.04
N PRO A 41 6.18 26.89 -5.84
CA PRO A 41 5.02 27.37 -6.55
C PRO A 41 5.31 27.46 -8.04
N GLY A 42 4.44 26.88 -8.84
CA GLY A 42 4.58 26.91 -10.29
C GLY A 42 5.55 25.85 -10.81
N LYS A 43 6.13 25.07 -9.90
CA LYS A 43 7.12 24.08 -10.29
C LYS A 43 6.71 22.67 -9.86
N GLY A 44 7.65 21.73 -10.00
CA GLY A 44 7.40 20.32 -9.72
C GLY A 44 7.78 19.93 -8.29
N LEU A 45 7.97 18.64 -8.08
CA LEU A 45 8.27 18.15 -6.74
C LEU A 45 9.75 17.98 -6.52
N GLU A 46 10.19 18.39 -5.35
CA GLU A 46 11.59 18.23 -4.96
C GLU A 46 11.71 17.41 -3.70
N TRP A 47 12.70 16.55 -3.69
CA TRP A 47 12.97 15.73 -2.52
C TRP A 47 13.90 16.47 -1.55
N VAL A 48 13.57 16.41 -0.25
CA VAL A 48 14.33 17.14 0.78
C VAL A 48 15.16 16.20 1.68
N SER A 49 14.50 15.36 2.45
CA SER A 49 15.21 14.46 3.36
C SER A 49 14.43 13.22 3.72
N LEU A 50 15.12 12.15 4.08
CA LEU A 50 14.52 11.03 4.78
C LEU A 50 15.19 10.81 6.11
N ILE A 51 14.44 10.26 7.06
CA ILE A 51 15.04 9.74 8.27
C ILE A 51 14.58 8.30 8.49
N THR A 52 15.52 7.37 8.64
CA THR A 52 15.12 5.97 8.84
C THR A 52 14.54 5.77 10.24
N TRP A 53 13.85 4.64 10.43
CA TRP A 53 13.16 4.39 11.70
C TRP A 53 14.05 4.49 12.94
N ASN A 54 15.24 3.93 12.86
CA ASN A 54 16.13 3.88 14.02
C ASN A 54 17.12 5.02 14.00
N GLY A 55 16.92 5.98 13.11
CA GLY A 55 17.80 7.13 13.02
C GLY A 55 19.16 6.72 12.45
N GLY A 56 19.25 5.48 11.98
CA GLY A 56 20.50 4.90 11.52
C GLY A 56 21.15 5.78 10.47
N THR A 57 20.44 6.03 9.38
CA THR A 57 20.99 6.87 8.35
C THR A 57 20.09 8.05 8.04
N ILE A 58 20.71 9.22 7.95
CA ILE A 58 19.99 10.42 7.57
C ILE A 58 20.65 11.05 6.35
N HIS A 59 19.82 11.44 5.39
CA HIS A 59 20.32 12.02 4.16
C HIS A 59 19.60 13.29 3.79
N TYR A 60 20.36 14.27 3.30
CA TYR A 60 19.77 15.52 2.83
C TYR A 60 20.09 15.77 1.38
N SER A 61 19.13 16.39 0.71
CA SER A 61 19.36 16.90 -0.61
C SER A 61 20.38 18.01 -0.54
N ASP A 62 21.25 18.08 -1.54
CA ASP A 62 22.37 19.03 -1.52
C ASP A 62 21.94 20.51 -1.47
N SER A 63 20.69 20.82 -1.74
CA SER A 63 20.29 22.21 -1.65
C SER A 63 20.08 22.61 -0.19
N VAL A 64 19.70 21.65 0.63
CA VAL A 64 19.39 21.93 2.03
C VAL A 64 20.41 21.28 2.95
N LYS A 65 21.49 20.77 2.39
CA LYS A 65 22.47 20.08 3.19
C LYS A 65 23.27 21.05 4.04
N GLY A 66 23.27 20.82 5.35
CA GLY A 66 24.05 21.62 6.26
C GLY A 66 23.21 22.70 6.94
N ARG A 67 21.99 22.90 6.45
CA ARG A 67 21.11 23.90 7.05
C ARG A 67 19.80 23.30 7.59
N PHE A 68 19.30 22.26 6.94
CA PHE A 68 18.09 21.63 7.44
C PHE A 68 18.44 20.45 8.33
N THR A 69 17.65 20.26 9.38
CA THR A 69 17.77 19.08 10.21
C THR A 69 16.44 18.35 10.37
N ILE A 70 16.48 17.04 10.14
CA ILE A 70 15.31 16.18 10.31
C ILE A 70 15.46 15.37 11.57
N SER A 71 14.36 15.16 12.30
CA SER A 71 14.39 14.32 13.47
C SER A 71 13.01 13.73 13.73
N ARG A 72 12.95 12.69 14.56
CA ARG A 72 11.67 12.03 14.82
C ARG A 72 11.55 11.61 16.27
N ASP A 73 10.32 11.49 16.71
CA ASP A 73 10.02 10.98 18.04
C ASP A 73 8.99 9.88 17.93
N ASN A 74 9.45 8.65 18.10
CA ASN A 74 8.61 7.49 17.86
C ASN A 74 7.61 7.27 18.99
N SER A 75 7.75 7.99 20.08
CA SER A 75 6.81 7.81 21.19
C SER A 75 5.61 8.72 21.06
N LYS A 76 5.67 9.62 20.08
CA LYS A 76 4.60 10.58 19.84
C LYS A 76 4.05 10.44 18.42
N ASN A 77 4.58 9.47 17.68
CA ASN A 77 4.19 9.28 16.28
C ASN A 77 4.29 10.58 15.51
N SER A 78 5.41 11.28 15.64
CA SER A 78 5.57 12.55 14.95
C SER A 78 6.94 12.70 14.32
N LEU A 79 6.98 13.38 13.19
CA LEU A 79 8.19 13.70 12.46
C LEU A 79 8.42 15.21 12.49
N TYR A 80 9.67 15.63 12.67
CA TYR A 80 10.00 17.05 12.79
C TYR A 80 10.97 17.51 11.69
N LEU A 81 10.91 18.80 11.32
CA LEU A 81 11.90 19.37 10.40
C LEU A 81 12.33 20.78 10.82
N GLN A 82 13.57 20.89 11.28
CA GLN A 82 14.14 22.17 11.71
C GLN A 82 14.93 22.81 10.59
N MET A 83 14.35 23.84 9.99
CA MET A 83 15.00 24.53 8.89
C MET A 83 15.54 25.88 9.34
N ASN A 84 16.87 26.03 9.25
CA ASN A 84 17.54 27.25 9.67
C ASN A 84 18.12 27.96 8.45
N SER A 85 18.62 29.18 8.62
CA SER A 85 19.22 29.91 7.51
C SER A 85 18.35 29.89 6.28
N LEU A 86 17.13 30.42 6.40
CA LEU A 86 16.19 30.34 5.30
C LEU A 86 16.50 31.29 4.16
N ARG A 87 16.23 30.83 2.93
CA ARG A 87 16.47 31.55 1.69
C ARG A 87 15.15 31.75 0.98
N THR A 88 14.98 32.85 0.27
CA THR A 88 13.72 33.09 -0.42
C THR A 88 13.38 31.97 -1.42
N GLU A 89 14.40 31.19 -1.79
CA GLU A 89 14.29 30.03 -2.70
C GLU A 89 13.56 28.85 -2.08
N ASP A 90 13.35 28.88 -0.77
CA ASP A 90 12.72 27.77 -0.06
C ASP A 90 11.21 27.95 0.03
N THR A 91 10.65 28.93 -0.67
CA THR A 91 9.19 29.07 -0.62
C THR A 91 8.52 27.93 -1.33
N ALA A 92 7.67 27.21 -0.60
CA ALA A 92 7.09 26.01 -1.16
C ALA A 92 6.00 25.42 -0.29
N LEU A 93 5.28 24.50 -0.89
CA LEU A 93 4.33 23.66 -0.17
C LEU A 93 5.08 22.43 0.31
N TYR A 94 5.19 22.27 1.62
CA TYR A 94 5.92 21.14 2.17
C TYR A 94 4.99 19.98 2.43
N TYR A 95 5.44 18.79 2.11
CA TYR A 95 4.65 17.58 2.28
C TYR A 95 5.35 16.56 3.17
N CYS A 96 4.57 15.80 3.94
CA CYS A 96 5.05 14.67 4.73
C CYS A 96 4.67 13.38 3.99
N ALA A 97 5.61 12.45 3.92
CA ALA A 97 5.39 11.20 3.20
C ALA A 97 6.11 10.04 3.87
N LYS A 98 5.67 8.81 3.59
CA LYS A 98 6.31 7.61 4.15
C LYS A 98 6.83 6.69 3.06
N ASP A 99 7.57 5.65 3.45
CA ASP A 99 8.10 4.67 2.51
C ASP A 99 7.09 3.50 2.30
N LEU A 100 7.45 2.51 1.47
CA LEU A 100 6.43 1.45 1.21
C LEU A 100 6.33 0.43 2.33
N GLY A 101 7.46 -0.10 2.77
CA GLY A 101 7.48 -1.23 3.67
C GLY A 101 8.13 -0.91 4.99
N ARG A 102 8.22 -1.90 5.86
CA ARG A 102 8.83 -1.70 7.17
C ARG A 102 10.34 -1.95 7.08
N GLY A 103 11.08 -1.21 7.89
CA GLY A 103 12.54 -1.41 7.94
C GLY A 103 13.26 -0.71 6.82
N GLY A 104 13.04 -1.13 5.58
CA GLY A 104 13.83 -0.57 4.47
C GLY A 104 13.47 0.83 4.05
N TRP A 105 14.28 1.42 3.18
CA TRP A 105 14.02 2.75 2.64
C TRP A 105 14.42 2.94 1.19
N TYR A 106 13.79 3.92 0.55
CA TYR A 106 14.15 4.35 -0.79
C TYR A 106 13.61 5.77 -1.06
N LEU A 107 12.33 5.87 -1.41
CA LEU A 107 11.72 7.16 -1.77
C LEU A 107 10.25 7.28 -1.31
N PRO A 108 9.72 8.51 -1.25
CA PRO A 108 8.35 8.81 -0.84
C PRO A 108 7.40 7.90 -1.62
N SER A 109 6.56 7.19 -0.88
CA SER A 109 5.71 6.18 -1.53
C SER A 109 4.23 6.52 -1.56
N ASP A 110 3.47 5.87 -0.68
CA ASP A 110 2.03 5.76 -0.86
C ASP A 110 1.22 6.82 -0.13
N ALA A 111 1.43 6.99 1.15
CA ALA A 111 0.72 8.01 1.90
C ALA A 111 1.48 9.32 1.95
N TRP A 112 0.86 10.35 1.40
CA TRP A 112 1.37 11.72 1.41
C TRP A 112 0.43 12.55 2.25
N GLY A 113 0.93 13.61 2.85
CA GLY A 113 0.05 14.47 3.63
C GLY A 113 -0.47 15.60 2.76
N GLN A 114 -1.45 16.34 3.27
CA GLN A 114 -1.96 17.48 2.54
C GLN A 114 -0.88 18.52 2.37
N GLY A 115 -0.02 18.65 3.38
CA GLY A 115 1.09 19.57 3.32
C GLY A 115 0.69 20.97 3.78
N THR A 116 1.68 21.83 3.95
CA THR A 116 1.44 23.17 4.45
C THR A 116 2.32 24.18 3.75
N LEU A 117 1.80 25.39 3.53
CA LEU A 117 2.54 26.38 2.76
C LEU A 117 3.45 27.22 3.61
N VAL A 118 4.73 27.20 3.26
CA VAL A 118 5.73 27.99 3.95
C VAL A 118 6.20 29.14 3.06
N THR A 119 5.98 30.37 3.54
CA THR A 119 6.40 31.56 2.82
C THR A 119 7.60 32.18 3.52
N VAL A 120 8.63 32.58 2.77
CA VAL A 120 9.85 33.11 3.38
C VAL A 120 9.91 34.62 3.19
N GLN B 1 16.56 22.92 -15.31
CA GLN B 1 17.25 22.86 -14.03
C GLN B 1 16.85 21.61 -13.19
N SER B 2 16.82 20.42 -13.82
CA SER B 2 16.43 19.13 -13.18
C SER B 2 17.25 17.95 -13.75
N VAL B 3 17.34 16.83 -13.00
CA VAL B 3 18.25 15.72 -13.44
C VAL B 3 17.57 14.64 -14.28
N LEU B 4 16.31 14.35 -14.04
CA LEU B 4 15.59 13.38 -14.85
C LEU B 4 14.75 14.11 -15.90
N THR B 5 14.89 13.78 -17.17
CA THR B 5 14.25 14.57 -18.20
C THR B 5 12.95 14.01 -18.71
N GLN B 6 11.92 14.83 -18.64
CA GLN B 6 10.60 14.53 -19.12
C GLN B 6 10.13 15.65 -20.01
N PRO B 7 9.31 15.38 -21.00
CA PRO B 7 8.66 16.34 -21.86
C PRO B 7 7.73 17.15 -20.98
N PRO B 8 7.57 18.44 -21.27
CA PRO B 8 6.74 19.37 -20.54
C PRO B 8 5.26 19.06 -20.68
N SER B 9 4.90 18.29 -21.70
CA SER B 9 3.50 17.98 -21.90
C SER B 9 3.29 16.75 -22.75
N ALA B 10 2.07 16.25 -22.73
CA ALA B 10 1.64 15.09 -23.52
C ALA B 10 0.14 15.24 -23.75
N SER B 11 -0.40 14.57 -24.75
CA SER B 11 -1.84 14.68 -24.97
C SER B 11 -2.39 13.52 -25.76
N GLY B 12 -3.72 13.37 -25.75
CA GLY B 12 -4.38 12.32 -26.54
C GLY B 12 -5.89 12.34 -26.40
N THR B 13 -6.55 11.65 -27.32
CA THR B 13 -7.99 11.49 -27.35
C THR B 13 -8.40 10.30 -26.49
N PRO B 14 -9.49 10.38 -25.72
CA PRO B 14 -10.03 9.29 -24.92
C PRO B 14 -10.17 8.04 -25.76
N GLY B 15 -9.72 6.93 -25.19
CA GLY B 15 -9.73 5.66 -25.88
C GLY B 15 -8.37 5.32 -26.47
N GLN B 16 -7.51 6.33 -26.58
CA GLN B 16 -6.16 6.12 -27.10
C GLN B 16 -5.19 5.82 -25.97
N ARG B 17 -4.05 5.26 -26.33
CA ARG B 17 -2.96 5.05 -25.38
C ARG B 17 -1.86 6.07 -25.64
N VAL B 18 -1.36 6.66 -24.57
CA VAL B 18 -0.27 7.62 -24.68
C VAL B 18 0.88 7.20 -23.80
N THR B 19 2.08 7.69 -24.08
CA THR B 19 3.21 7.39 -23.21
C THR B 19 3.92 8.64 -22.74
N ILE B 20 4.48 8.56 -21.54
CA ILE B 20 5.29 9.64 -21.00
C ILE B 20 6.71 9.15 -20.80
N SER B 21 7.65 9.70 -21.54
CA SER B 21 9.01 9.24 -21.40
C SER B 21 9.69 9.91 -20.21
N CYS B 22 10.78 9.29 -19.77
CA CYS B 22 11.68 9.83 -18.73
C CYS B 22 13.10 9.37 -19.06
N SER B 23 14.05 10.28 -18.97
CA SER B 23 15.40 9.79 -19.20
C SER B 23 16.33 10.28 -18.11
N GLY B 24 17.50 9.67 -18.02
CA GLY B 24 18.43 10.06 -16.98
C GLY B 24 19.83 9.55 -17.29
N SER B 25 20.70 9.56 -16.29
CA SER B 25 22.05 9.07 -16.47
C SER B 25 22.18 7.66 -15.97
N SER B 26 23.37 7.10 -16.12
CA SER B 26 23.66 5.76 -15.66
C SER B 26 23.50 5.58 -14.14
N ALA B 27 23.57 6.66 -13.36
CA ALA B 27 23.44 6.52 -11.87
C ALA B 27 22.03 6.77 -11.39
N ASN B 28 21.12 7.05 -12.29
CA ASN B 28 19.79 7.45 -11.92
C ASN B 28 18.85 6.29 -12.16
N ILE B 29 18.73 6.01 -13.44
CA ILE B 29 17.86 4.95 -13.91
C ILE B 29 18.66 3.72 -14.23
N GLY B 30 19.77 3.89 -14.91
CA GLY B 30 20.55 2.74 -15.32
C GLY B 30 20.62 1.69 -14.21
N SER B 31 20.98 2.14 -12.99
CA SER B 31 21.33 1.26 -11.87
C SER B 31 20.44 1.29 -10.61
N ASN B 32 19.21 1.76 -10.71
CA ASN B 32 18.30 1.81 -9.55
C ASN B 32 16.87 1.70 -10.04
N THR B 33 15.88 1.72 -9.14
CA THR B 33 14.53 1.55 -9.64
C THR B 33 13.80 2.86 -9.87
N VAL B 34 12.74 2.77 -10.65
CA VAL B 34 11.94 3.93 -10.98
C VAL B 34 10.58 3.90 -10.32
N ASN B 35 10.19 5.04 -9.78
CA ASN B 35 8.83 5.20 -9.32
C ASN B 35 8.15 6.26 -10.16
N TRP B 36 6.83 6.17 -10.27
CA TRP B 36 6.04 7.19 -10.91
C TRP B 36 4.94 7.65 -9.99
N TYR B 37 4.67 8.94 -10.01
CA TYR B 37 3.58 9.49 -9.21
C TYR B 37 2.59 10.16 -10.10
N GLN B 38 1.38 10.32 -9.58
CA GLN B 38 0.38 11.09 -10.27
C GLN B 38 -0.13 12.21 -9.37
N HIS B 39 0.02 13.44 -9.82
CA HIS B 39 -0.39 14.58 -9.01
C HIS B 39 -1.50 15.40 -9.64
N LEU B 40 -2.67 15.35 -9.04
CA LEU B 40 -3.81 16.11 -9.50
C LEU B 40 -3.83 17.43 -8.72
N PRO B 41 -3.73 18.58 -9.38
CA PRO B 41 -3.65 19.89 -8.76
C PRO B 41 -4.79 20.06 -7.77
N GLY B 42 -4.45 20.53 -6.56
CA GLY B 42 -5.44 20.76 -5.52
C GLY B 42 -5.35 19.74 -4.39
N THR B 43 -4.72 18.60 -4.64
CA THR B 43 -4.59 17.57 -3.63
C THR B 43 -3.16 17.00 -3.58
N ALA B 44 -2.95 15.99 -2.73
CA ALA B 44 -1.62 15.40 -2.58
C ALA B 44 -1.30 14.49 -3.78
N PRO B 45 -0.03 14.31 -4.13
CA PRO B 45 0.46 13.29 -5.04
C PRO B 45 0.16 11.89 -4.52
N LYS B 46 -0.03 10.95 -5.45
CA LYS B 46 -0.11 9.52 -5.09
C LYS B 46 0.95 8.74 -5.85
N LEU B 47 1.14 7.49 -5.46
CA LEU B 47 2.13 6.63 -6.10
C LEU B 47 1.47 5.67 -7.07
N LEU B 48 1.86 5.77 -8.33
CA LEU B 48 1.23 5.02 -9.39
C LEU B 48 1.99 3.73 -9.61
N ILE B 49 3.26 3.86 -9.91
CA ILE B 49 4.10 2.73 -10.25
C ILE B 49 5.36 2.73 -9.41
N TYR B 50 5.73 1.57 -8.89
CA TYR B 50 6.97 1.50 -8.14
C TYR B 50 7.78 0.29 -8.54
N SER B 51 9.08 0.38 -8.30
CA SER B 51 10.03 -0.65 -8.73
C SER B 51 9.92 -1.00 -10.20
N ASN B 52 9.85 0.02 -11.06
CA ASN B 52 9.82 -0.14 -12.50
C ASN B 52 8.44 -0.49 -13.05
N ASN B 53 7.86 -1.62 -12.63
CA ASN B 53 6.59 -2.07 -13.22
C ASN B 53 5.58 -2.67 -12.24
N GLN B 54 5.70 -2.36 -10.95
CA GLN B 54 4.76 -2.89 -9.96
C GLN B 54 3.72 -1.85 -9.59
N ARG B 55 2.57 -2.30 -9.09
CA ARG B 55 1.53 -1.36 -8.70
C ARG B 55 1.08 -1.58 -7.26
N PRO B 56 0.77 -0.51 -6.54
CA PRO B 56 0.17 -0.47 -5.23
C PRO B 56 -1.33 -0.70 -5.36
N SER B 57 -1.96 -1.07 -4.26
CA SER B 57 -3.39 -1.31 -4.26
C SER B 57 -4.20 -0.02 -4.51
N GLY B 58 -5.20 -0.11 -5.41
CA GLY B 58 -5.97 1.06 -5.83
C GLY B 58 -5.62 1.55 -7.24
N VAL B 59 -4.47 1.12 -7.77
CA VAL B 59 -4.07 1.54 -9.11
C VAL B 59 -4.42 0.47 -10.16
N PRO B 60 -5.28 0.81 -11.13
CA PRO B 60 -5.83 -0.07 -12.15
C PRO B 60 -4.78 -0.45 -13.19
N ASP B 61 -5.07 -1.51 -13.96
CA ASP B 61 -4.15 -2.03 -14.95
C ASP B 61 -4.10 -1.17 -16.21
N ARG B 62 -4.77 -0.03 -16.18
CA ARG B 62 -4.65 0.94 -17.26
C ARG B 62 -3.30 1.63 -17.18
N PHE B 63 -2.65 1.50 -16.03
CA PHE B 63 -1.35 2.11 -15.83
C PHE B 63 -0.24 1.07 -15.77
N SER B 64 0.69 1.12 -16.72
CA SER B 64 1.83 0.22 -16.70
C SER B 64 3.09 0.94 -17.08
N GLY B 65 4.24 0.36 -16.78
CA GLY B 65 5.49 1.02 -17.10
C GLY B 65 6.58 0.00 -17.32
N SER B 66 7.76 0.46 -17.64
CA SER B 66 8.85 -0.43 -17.97
C SER B 66 10.18 0.28 -17.89
N LYS B 67 11.26 -0.45 -17.84
CA LYS B 67 12.57 0.12 -17.83
C LYS B 67 13.44 -0.57 -18.85
N SER B 68 14.21 0.17 -19.61
CA SER B 68 15.04 -0.39 -20.66
C SER B 68 16.42 0.27 -20.69
N GLY B 69 17.41 -0.37 -20.13
CA GLY B 69 18.74 0.21 -20.05
C GLY B 69 18.78 1.42 -19.11
N THR B 70 18.82 2.62 -19.68
CA THR B 70 18.85 3.84 -18.88
C THR B 70 17.57 4.65 -19.01
N SER B 71 16.61 4.19 -19.80
CA SER B 71 15.41 5.02 -19.97
C SER B 71 14.17 4.36 -19.38
N ALA B 72 13.12 5.14 -19.19
CA ALA B 72 11.90 4.58 -18.62
C ALA B 72 10.68 5.32 -19.12
N SER B 73 9.55 4.65 -19.10
CA SER B 73 8.33 5.21 -19.64
C SER B 73 7.11 4.74 -18.87
N LEU B 74 6.07 5.55 -18.92
CA LEU B 74 4.78 5.22 -18.33
C LEU B 74 3.74 5.18 -19.42
N ALA B 75 3.03 4.07 -19.52
CA ALA B 75 2.02 3.90 -20.56
C ALA B 75 0.63 4.02 -19.97
N ILE B 76 -0.17 4.93 -20.49
CA ILE B 76 -1.51 5.14 -19.95
C ILE B 76 -2.59 4.79 -20.97
N SER B 77 -3.30 3.68 -20.76
CA SER B 77 -4.33 3.25 -21.71
C SER B 77 -5.74 3.63 -21.27
N GLY B 78 -6.66 3.67 -22.23
CA GLY B 78 -8.06 3.94 -21.96
C GLY B 78 -8.26 5.32 -21.36
N LEU B 79 -7.49 6.28 -21.84
CA LEU B 79 -7.54 7.62 -21.24
C LEU B 79 -8.96 8.10 -20.91
N GLN B 80 -9.16 8.49 -19.64
CA GLN B 80 -10.42 9.06 -19.18
C GLN B 80 -10.21 10.53 -18.80
N SER B 81 -11.28 11.33 -18.82
CA SER B 81 -11.09 12.76 -18.57
C SER B 81 -10.64 13.05 -17.15
N GLU B 82 -10.72 12.05 -16.30
CA GLU B 82 -10.35 12.15 -14.89
C GLU B 82 -8.84 12.03 -14.65
N ASP B 83 -8.08 11.74 -15.70
CA ASP B 83 -6.63 11.56 -15.56
C ASP B 83 -5.83 12.74 -16.10
N GLU B 84 -6.47 13.90 -16.20
CA GLU B 84 -5.80 15.08 -16.66
C GLU B 84 -4.99 15.70 -15.52
N ALA B 85 -3.76 15.20 -15.35
CA ALA B 85 -2.92 15.52 -14.20
C ALA B 85 -1.45 15.54 -14.57
N ASP B 86 -0.62 15.97 -13.62
CA ASP B 86 0.83 16.04 -13.80
C ASP B 86 1.50 14.77 -13.32
N TYR B 87 2.26 14.12 -14.20
CA TYR B 87 2.91 12.87 -13.84
C TYR B 87 4.40 13.08 -13.58
N TYR B 88 4.93 12.40 -12.56
CA TYR B 88 6.34 12.55 -12.22
C TYR B 88 7.09 11.23 -12.18
N CYS B 89 8.35 11.28 -12.63
CA CYS B 89 9.34 10.20 -12.61
C CYS B 89 10.35 10.44 -11.50
N ALA B 90 10.72 9.38 -10.77
CA ALA B 90 11.78 9.54 -9.76
C ALA B 90 12.69 8.32 -9.65
N ALA B 91 14.01 8.57 -9.58
CA ALA B 91 15.00 7.53 -9.32
C ALA B 91 16.05 8.05 -8.32
N TRP B 92 16.42 7.23 -7.33
CA TRP B 92 17.51 7.56 -6.41
C TRP B 92 18.85 7.58 -7.12
N ASP B 93 19.61 8.66 -6.99
CA ASP B 93 20.94 8.79 -7.59
C ASP B 93 22.01 8.38 -6.60
N ASP B 94 23.15 7.84 -7.04
CA ASP B 94 24.14 7.48 -6.01
C ASP B 94 24.88 8.71 -5.51
N SER B 95 25.41 9.54 -6.43
CA SER B 95 26.22 10.71 -6.01
C SER B 95 25.28 11.74 -5.49
N LEU B 96 24.30 12.08 -6.33
CA LEU B 96 23.17 12.95 -5.90
C LEU B 96 22.16 12.19 -5.05
N LYS B 97 21.20 12.89 -4.41
CA LYS B 97 20.23 12.16 -3.62
C LYS B 97 18.91 11.90 -4.37
N GLY B 98 17.78 12.09 -3.70
CA GLY B 98 16.52 11.63 -4.27
C GLY B 98 16.13 12.50 -5.42
N VAL B 99 15.92 11.93 -6.59
CA VAL B 99 15.62 12.76 -7.73
C VAL B 99 14.22 12.60 -8.27
N PHE B 100 13.62 13.75 -8.50
CA PHE B 100 12.34 13.89 -9.17
C PHE B 100 12.52 14.64 -10.48
N GLY B 101 11.82 14.17 -11.51
CA GLY B 101 11.90 14.76 -12.83
C GLY B 101 11.11 16.06 -12.90
N GLY B 102 11.21 16.75 -14.03
CA GLY B 102 10.54 18.03 -14.19
C GLY B 102 9.02 17.91 -14.10
N GLY B 103 8.47 16.81 -14.60
CA GLY B 103 7.04 16.57 -14.57
C GLY B 103 6.39 16.82 -15.93
N THR B 104 5.48 15.93 -16.32
CA THR B 104 4.78 16.05 -17.60
C THR B 104 3.31 16.39 -17.39
N LYS B 105 2.81 17.42 -18.08
CA LYS B 105 1.38 17.72 -18.00
C LYS B 105 0.62 17.01 -19.10
N LEU B 106 -0.19 16.03 -18.71
CA LEU B 106 -0.97 15.24 -19.67
C LEU B 106 -2.38 15.79 -19.81
N THR B 107 -2.76 16.16 -21.02
CA THR B 107 -4.08 16.71 -21.26
C THR B 107 -4.92 15.86 -22.21
N VAL B 108 -6.25 15.99 -22.12
CA VAL B 108 -7.17 15.20 -22.94
C VAL B 108 -7.20 15.73 -24.39
N LEU C 335 -23.19 -32.91 15.34
CA LEU C 335 -23.30 -31.46 15.24
C LEU C 335 -21.94 -30.85 15.00
N CYS C 336 -21.67 -30.35 13.81
CA CYS C 336 -20.49 -29.77 13.36
C CYS C 336 -20.04 -28.55 14.16
N PRO C 337 -18.76 -28.41 14.54
CA PRO C 337 -18.33 -27.29 15.36
C PRO C 337 -18.19 -26.04 14.50
N PHE C 338 -19.32 -25.49 14.03
CA PHE C 338 -19.26 -24.22 13.28
C PHE C 338 -19.04 -23.11 14.29
N GLY C 339 -19.55 -23.30 15.50
CA GLY C 339 -19.40 -22.28 16.56
C GLY C 339 -17.94 -22.06 16.93
N GLU C 340 -17.08 -23.00 16.60
CA GLU C 340 -15.63 -22.87 16.90
C GLU C 340 -14.94 -22.27 15.69
N VAL C 341 -15.69 -22.01 14.62
CA VAL C 341 -15.09 -21.45 13.38
C VAL C 341 -15.65 -20.04 13.16
N PHE C 342 -16.90 -19.80 13.53
CA PHE C 342 -17.52 -18.49 13.24
C PHE C 342 -17.52 -17.62 14.51
N ASN C 343 -17.66 -18.24 15.68
CA ASN C 343 -17.75 -17.48 16.94
C ASN C 343 -16.45 -17.63 17.73
N ALA C 344 -15.30 -17.63 17.04
CA ALA C 344 -14.02 -17.89 17.74
C ALA C 344 -13.46 -16.62 18.39
N THR C 345 -12.79 -16.76 19.54
CA THR C 345 -12.14 -15.63 20.22
C THR C 345 -11.21 -14.79 19.34
N ARG C 346 -10.34 -15.44 18.57
CA ARG C 346 -9.38 -14.70 17.74
C ARG C 346 -9.22 -15.34 16.37
N PHE C 347 -9.08 -14.50 15.36
CA PHE C 347 -8.84 -14.93 13.98
C PHE C 347 -7.40 -14.69 13.57
N ALA C 348 -6.91 -15.50 12.64
CA ALA C 348 -5.53 -15.43 12.17
C ALA C 348 -5.35 -14.27 11.21
N SER C 349 -4.11 -13.86 11.04
CA SER C 349 -3.81 -12.84 10.05
C SER C 349 -3.89 -13.44 8.65
N VAL C 350 -4.17 -12.63 7.63
CA VAL C 350 -4.39 -13.19 6.31
C VAL C 350 -3.15 -13.83 5.75
N TYR C 351 -1.99 -13.31 6.09
CA TYR C 351 -0.74 -13.84 5.59
C TYR C 351 -0.50 -15.24 6.12
N ALA C 352 -1.20 -15.60 7.21
CA ALA C 352 -1.03 -16.89 7.84
C ALA C 352 -2.37 -17.41 8.34
N TRP C 353 -3.20 -17.85 7.40
CA TRP C 353 -4.60 -18.15 7.66
C TRP C 353 -4.79 -19.53 8.26
N ASN C 354 -5.87 -19.69 9.03
CA ASN C 354 -6.10 -20.95 9.72
C ASN C 354 -6.99 -21.89 8.94
N ARG C 355 -6.62 -23.16 8.92
CA ARG C 355 -7.47 -24.17 8.23
C ARG C 355 -7.96 -25.19 9.26
N LYS C 356 -9.28 -25.29 9.44
CA LYS C 356 -9.86 -26.30 10.36
C LYS C 356 -10.70 -27.27 9.54
N ARG C 357 -10.48 -28.58 9.71
CA ARG C 357 -11.21 -29.58 8.88
C ARG C 357 -12.44 -30.05 9.65
N ILE C 358 -13.62 -29.89 9.07
CA ILE C 358 -14.89 -30.31 9.73
C ILE C 358 -15.25 -31.71 9.19
N SER C 359 -15.46 -32.68 10.08
CA SER C 359 -15.73 -34.06 9.62
C SER C 359 -16.52 -34.86 10.65
N ASN C 360 -16.93 -36.08 10.30
CA ASN C 360 -17.72 -36.93 11.19
C ASN C 360 -18.75 -36.17 12.03
N CYS C 361 -19.67 -35.46 11.37
CA CYS C 361 -20.65 -34.62 12.08
C CYS C 361 -21.84 -34.23 11.20
N VAL C 362 -22.82 -33.55 11.81
CA VAL C 362 -23.97 -33.05 11.09
C VAL C 362 -23.89 -31.56 10.91
N ALA C 363 -23.89 -31.11 9.67
CA ALA C 363 -23.65 -29.72 9.35
C ALA C 363 -24.93 -29.00 8.96
N ASP C 364 -25.50 -28.21 9.85
CA ASP C 364 -26.65 -27.39 9.48
C ASP C 364 -26.20 -26.06 8.90
N TYR C 365 -26.52 -25.84 7.62
CA TYR C 365 -26.05 -24.62 6.92
C TYR C 365 -27.19 -23.62 6.78
N SER C 366 -28.38 -23.97 7.28
CA SER C 366 -29.49 -23.04 7.21
C SER C 366 -29.34 -22.05 8.36
N VAL C 367 -28.89 -22.56 9.50
CA VAL C 367 -28.59 -21.74 10.68
C VAL C 367 -27.63 -20.58 10.35
N LEU C 368 -26.65 -20.79 9.47
CA LEU C 368 -25.70 -19.72 9.20
C LEU C 368 -26.12 -18.82 8.04
N TYR C 369 -27.03 -19.28 7.21
CA TYR C 369 -27.44 -18.48 6.06
C TYR C 369 -28.49 -17.43 6.40
N ASN C 370 -29.49 -17.83 7.18
CA ASN C 370 -30.64 -16.96 7.48
C ASN C 370 -30.32 -16.02 8.63
N SER C 371 -29.05 -15.98 8.99
CA SER C 371 -28.54 -15.14 10.03
C SER C 371 -28.17 -13.73 9.52
N ALA C 372 -28.84 -12.70 10.07
CA ALA C 372 -28.68 -11.33 9.54
C ALA C 372 -27.36 -10.73 9.96
N SER C 373 -26.60 -11.48 10.74
CA SER C 373 -25.32 -11.00 11.22
C SER C 373 -24.26 -10.94 10.12
N PHE C 374 -24.47 -11.65 9.01
CA PHE C 374 -23.47 -11.71 7.93
C PHE C 374 -23.65 -10.58 6.89
N SER C 375 -22.57 -9.90 6.51
CA SER C 375 -22.68 -8.83 5.51
C SER C 375 -22.71 -9.39 4.10
N THR C 376 -22.14 -10.57 3.91
CA THR C 376 -22.14 -11.16 2.60
C THR C 376 -22.03 -12.68 2.64
N PHE C 377 -22.73 -13.33 1.72
CA PHE C 377 -22.75 -14.78 1.61
C PHE C 377 -22.72 -15.16 0.16
N LYS C 378 -21.54 -15.18 -0.42
CA LYS C 378 -21.40 -15.46 -1.84
C LYS C 378 -20.96 -16.89 -2.00
N CYS C 379 -21.82 -17.74 -2.55
CA CYS C 379 -21.49 -19.16 -2.64
C CYS C 379 -21.30 -19.56 -4.08
N TYR C 380 -20.27 -20.34 -4.35
CA TYR C 380 -19.89 -20.67 -5.72
C TYR C 380 -19.95 -22.16 -5.97
N GLY C 381 -20.53 -22.53 -7.08
CA GLY C 381 -20.62 -23.93 -7.47
C GLY C 381 -21.92 -24.55 -6.95
N VAL C 382 -22.43 -23.97 -5.86
CA VAL C 382 -23.62 -24.54 -5.23
C VAL C 382 -24.62 -23.51 -4.73
N SER C 383 -25.88 -23.85 -4.93
CA SER C 383 -27.01 -23.11 -4.42
C SER C 383 -26.97 -23.07 -2.88
N PRO C 384 -26.79 -21.90 -2.26
CA PRO C 384 -26.60 -21.70 -0.82
C PRO C 384 -27.80 -22.22 -0.04
N THR C 385 -28.91 -22.39 -0.73
CA THR C 385 -30.11 -22.90 -0.04
C THR C 385 -30.27 -24.41 -0.11
N LYS C 386 -29.51 -25.07 -0.97
CA LYS C 386 -29.64 -26.52 -1.14
C LYS C 386 -28.61 -27.33 -0.34
N LEU C 387 -27.67 -26.62 0.27
CA LEU C 387 -26.59 -27.21 1.06
C LEU C 387 -27.09 -28.02 2.24
N ASN C 388 -28.30 -27.76 2.65
CA ASN C 388 -28.86 -28.44 3.81
C ASN C 388 -29.38 -29.82 3.40
N ASP C 389 -29.36 -30.09 2.10
CA ASP C 389 -29.76 -31.41 1.58
C ASP C 389 -28.56 -32.22 1.11
N LEU C 390 -27.39 -31.59 1.08
CA LEU C 390 -26.24 -32.28 0.52
C LEU C 390 -25.32 -32.78 1.62
N CYS C 391 -24.59 -33.82 1.24
CA CYS C 391 -23.46 -34.32 2.15
C CYS C 391 -22.18 -34.23 1.37
N PHE C 392 -21.07 -34.21 2.10
CA PHE C 392 -19.76 -34.02 1.44
C PHE C 392 -18.71 -34.88 2.12
N THR C 393 -17.51 -34.99 1.55
CA THR C 393 -16.48 -35.89 2.11
C THR C 393 -15.62 -35.16 3.14
N ASN C 394 -15.15 -33.95 2.80
CA ASN C 394 -14.35 -33.14 3.76
C ASN C 394 -14.65 -31.65 3.52
N VAL C 395 -15.08 -30.94 4.56
CA VAL C 395 -15.39 -29.49 4.43
C VAL C 395 -14.33 -28.71 5.21
N TYR C 396 -13.37 -28.12 4.50
CA TYR C 396 -12.31 -27.30 5.16
C TYR C 396 -12.83 -25.89 5.40
N ALA C 397 -12.52 -25.31 6.57
CA ALA C 397 -12.98 -23.98 6.88
C ALA C 397 -11.78 -23.09 7.15
N ASP C 398 -11.57 -22.12 6.28
CA ASP C 398 -10.41 -21.27 6.42
C ASP C 398 -10.83 -19.97 7.08
N SER C 399 -9.93 -19.36 7.84
CA SER C 399 -10.31 -18.12 8.51
C SER C 399 -9.17 -17.10 8.62
N PHE C 400 -9.52 -15.82 8.39
CA PHE C 400 -8.58 -14.68 8.43
C PHE C 400 -9.28 -13.33 8.55
N VAL C 401 -8.52 -12.28 8.92
CA VAL C 401 -9.05 -10.91 9.00
C VAL C 401 -8.47 -9.96 7.94
N ILE C 402 -9.37 -9.36 7.15
CA ILE C 402 -8.99 -8.43 6.07
C ILE C 402 -9.86 -7.17 6.09
N ARG C 403 -9.43 -6.14 5.35
CA ARG C 403 -10.22 -4.91 5.23
C ARG C 403 -11.47 -5.12 4.39
N GLY C 404 -12.50 -4.32 4.64
CA GLY C 404 -13.75 -4.40 3.88
C GLY C 404 -13.57 -4.27 2.37
N ASP C 405 -12.70 -3.37 1.94
CA ASP C 405 -12.45 -3.13 0.51
C ASP C 405 -11.85 -4.32 -0.19
N GLU C 406 -11.32 -5.25 0.56
CA GLU C 406 -10.61 -6.38 0.00
C GLU C 406 -11.46 -7.63 -0.04
N VAL C 407 -12.62 -7.58 0.58
CA VAL C 407 -13.48 -8.73 0.67
C VAL C 407 -13.81 -9.27 -0.73
N ARG C 408 -13.92 -8.39 -1.72
CA ARG C 408 -14.27 -8.79 -3.07
C ARG C 408 -13.16 -9.62 -3.73
N GLN C 409 -11.97 -9.64 -3.12
CA GLN C 409 -10.84 -10.40 -3.65
C GLN C 409 -10.92 -11.85 -3.24
N ILE C 410 -11.80 -12.18 -2.30
CA ILE C 410 -11.90 -13.55 -1.85
C ILE C 410 -12.94 -14.25 -2.71
N ALA C 411 -12.57 -14.50 -3.95
CA ALA C 411 -13.46 -15.13 -4.92
C ALA C 411 -12.61 -15.68 -6.07
N PRO C 412 -13.07 -16.76 -6.73
CA PRO C 412 -12.42 -17.39 -7.86
C PRO C 412 -12.36 -16.43 -9.03
N GLY C 413 -11.23 -16.42 -9.72
CA GLY C 413 -11.05 -15.59 -10.90
C GLY C 413 -10.61 -14.17 -10.58
N GLN C 414 -10.51 -13.81 -9.29
CA GLN C 414 -10.15 -12.45 -8.92
C GLN C 414 -8.65 -12.26 -8.76
N THR C 415 -8.19 -11.03 -8.96
CA THR C 415 -6.80 -10.68 -8.69
C THR C 415 -6.70 -9.49 -7.74
N GLY C 416 -5.50 -9.25 -7.21
CA GLY C 416 -5.32 -8.15 -6.26
C GLY C 416 -4.23 -8.47 -5.24
N LYS C 417 -3.95 -7.53 -4.35
CA LYS C 417 -2.84 -7.66 -3.42
C LYS C 417 -3.01 -8.85 -2.49
N ILE C 418 -4.26 -9.13 -2.11
CA ILE C 418 -4.54 -10.28 -1.25
C ILE C 418 -4.66 -11.53 -2.08
N ALA C 419 -5.47 -11.44 -3.12
CA ALA C 419 -5.74 -12.60 -3.95
C ALA C 419 -4.45 -13.20 -4.52
N ASP C 420 -3.50 -12.35 -4.87
CA ASP C 420 -2.28 -12.82 -5.51
C ASP C 420 -1.16 -13.22 -4.57
N TYR C 421 -1.11 -12.65 -3.36
CA TYR C 421 0.02 -12.92 -2.48
C TYR C 421 -0.34 -13.57 -1.14
N ASN C 422 -1.59 -13.44 -0.70
CA ASN C 422 -1.95 -13.90 0.62
C ASN C 422 -2.86 -15.13 0.61
N TYR C 423 -3.96 -15.05 -0.14
CA TYR C 423 -4.94 -16.13 -0.13
C TYR C 423 -5.64 -16.24 -1.48
N LYS C 424 -5.36 -17.33 -2.19
CA LYS C 424 -5.90 -17.49 -3.53
C LYS C 424 -6.85 -18.67 -3.63
N LEU C 425 -7.97 -18.47 -4.30
CA LEU C 425 -8.90 -19.56 -4.60
C LEU C 425 -8.76 -19.94 -6.06
N PRO C 426 -8.92 -21.22 -6.40
CA PRO C 426 -8.86 -21.78 -7.73
C PRO C 426 -10.07 -21.38 -8.55
N ASP C 427 -9.92 -21.38 -9.87
CA ASP C 427 -11.00 -20.99 -10.78
C ASP C 427 -12.18 -21.95 -10.73
N ASP C 428 -11.93 -23.19 -10.32
CA ASP C 428 -12.98 -24.18 -10.19
C ASP C 428 -13.40 -24.37 -8.74
N PHE C 429 -13.17 -23.34 -7.92
CA PHE C 429 -13.54 -23.37 -6.52
C PHE C 429 -15.02 -23.66 -6.31
N THR C 430 -15.29 -24.58 -5.38
CA THR C 430 -16.64 -24.85 -4.92
C THR C 430 -16.70 -24.66 -3.43
N GLY C 431 -17.58 -23.78 -2.99
CA GLY C 431 -17.68 -23.47 -1.57
C GLY C 431 -18.27 -22.08 -1.33
N CYS C 432 -18.43 -21.72 -0.06
CA CYS C 432 -19.06 -20.46 0.34
C CYS C 432 -18.05 -19.49 0.95
N VAL C 433 -18.15 -18.23 0.56
CA VAL C 433 -17.35 -17.19 1.18
C VAL C 433 -18.23 -16.32 2.06
N ILE C 434 -18.02 -16.43 3.37
CA ILE C 434 -18.87 -15.78 4.34
C ILE C 434 -18.10 -14.72 5.10
N ALA C 435 -18.67 -13.52 5.23
CA ALA C 435 -17.97 -12.47 5.94
C ALA C 435 -18.90 -11.56 6.71
N TRP C 436 -18.36 -10.92 7.74
CA TRP C 436 -19.15 -9.97 8.51
C TRP C 436 -18.29 -8.89 9.13
N ASN C 437 -18.89 -7.75 9.40
CA ASN C 437 -18.21 -6.60 9.98
C ASN C 437 -17.84 -6.90 11.42
N SER C 438 -16.60 -6.61 11.80
CA SER C 438 -16.13 -6.88 13.16
C SER C 438 -15.48 -5.66 13.78
N ASN C 439 -15.98 -4.47 13.42
CA ASN C 439 -15.44 -3.21 13.93
C ASN C 439 -15.50 -3.17 15.45
N ASN C 440 -16.50 -3.81 16.04
CA ASN C 440 -16.65 -3.79 17.49
C ASN C 440 -15.74 -4.83 18.16
N LEU C 441 -15.00 -5.60 17.36
CA LEU C 441 -14.14 -6.64 17.93
C LEU C 441 -12.64 -6.48 17.61
N ASP C 442 -12.24 -6.30 16.34
CA ASP C 442 -10.80 -6.21 16.05
C ASP C 442 -10.33 -4.79 15.83
N SER C 443 -10.86 -3.83 16.56
CA SER C 443 -10.37 -2.46 16.43
C SER C 443 -10.44 -1.77 17.78
N LYS C 444 -9.51 -0.89 18.03
CA LYS C 444 -9.39 -0.25 19.33
C LYS C 444 -8.86 1.16 19.18
N VAL C 445 -8.97 1.98 20.20
CA VAL C 445 -8.48 3.33 20.05
C VAL C 445 -6.97 3.38 19.90
N GLY C 446 -6.52 4.11 18.89
CA GLY C 446 -5.10 4.25 18.62
C GLY C 446 -4.57 3.19 17.65
N GLY C 447 -5.43 2.26 17.23
CA GLY C 447 -5.05 1.29 16.20
C GLY C 447 -4.80 -0.15 16.68
N ASN C 448 -5.36 -1.12 15.96
CA ASN C 448 -5.11 -2.54 16.22
C ASN C 448 -4.15 -3.12 15.18
N TYR C 449 -2.84 -3.00 15.41
CA TYR C 449 -1.88 -3.43 14.38
C TYR C 449 -1.39 -4.86 14.58
N ASN C 450 -2.19 -5.72 15.21
CA ASN C 450 -1.78 -7.12 15.42
C ASN C 450 -2.06 -8.02 14.20
N TYR C 451 -2.65 -7.50 13.12
CA TYR C 451 -3.05 -8.38 12.01
C TYR C 451 -2.31 -8.07 10.75
N LEU C 452 -1.49 -8.99 10.26
CA LEU C 452 -0.59 -8.60 9.14
C LEU C 452 -1.09 -9.06 7.78
N TYR C 453 -0.45 -8.60 6.71
CA TYR C 453 -0.81 -9.01 5.34
C TYR C 453 0.42 -8.82 4.45
N ARG C 454 0.77 -9.81 3.65
CA ARG C 454 1.95 -9.76 2.83
C ARG C 454 1.82 -8.72 1.76
N LEU C 455 2.80 -7.84 1.66
CA LEU C 455 2.82 -6.81 0.65
C LEU C 455 3.76 -7.20 -0.49
N PHE C 456 4.87 -7.82 -0.13
CA PHE C 456 5.87 -8.17 -1.13
C PHE C 456 6.09 -9.68 -1.25
N ARG C 457 6.00 -10.18 -2.48
CA ARG C 457 6.27 -11.57 -2.79
C ARG C 457 6.83 -11.67 -4.20
N LYS C 458 7.82 -12.53 -4.40
CA LYS C 458 8.48 -12.66 -5.70
C LYS C 458 7.51 -13.00 -6.84
N SER C 459 6.56 -13.88 -6.57
CA SER C 459 5.58 -14.26 -7.59
C SER C 459 4.23 -14.57 -6.97
N ASN C 460 3.20 -14.63 -7.81
CA ASN C 460 1.87 -14.96 -7.35
C ASN C 460 1.87 -16.36 -6.79
N LEU C 461 1.12 -16.58 -5.71
CA LEU C 461 1.08 -17.90 -5.10
C LEU C 461 0.01 -18.77 -5.73
N LYS C 462 0.12 -20.07 -5.50
CA LYS C 462 -0.85 -21.04 -6.02
C LYS C 462 -2.08 -21.08 -5.12
N PRO C 463 -3.20 -21.61 -5.61
CA PRO C 463 -4.43 -21.82 -4.88
C PRO C 463 -4.19 -22.58 -3.58
N PHE C 464 -4.75 -22.07 -2.50
CA PHE C 464 -4.62 -22.64 -1.16
C PHE C 464 -3.19 -22.85 -0.69
N GLU C 465 -2.27 -22.07 -1.22
CA GLU C 465 -0.91 -22.11 -0.72
C GLU C 465 -0.81 -21.20 0.50
N ARG C 466 0.04 -21.55 1.45
CA ARG C 466 0.23 -20.68 2.60
C ARG C 466 1.71 -20.47 2.89
N ASP C 467 2.12 -19.23 2.73
CA ASP C 467 3.51 -18.79 2.81
C ASP C 467 3.73 -17.88 3.99
N ILE C 468 4.52 -18.35 4.95
CA ILE C 468 4.71 -17.61 6.18
C ILE C 468 6.17 -17.23 6.42
N SER C 469 6.96 -17.28 5.35
CA SER C 469 8.37 -16.90 5.37
C SER C 469 8.49 -15.42 5.75
N THR C 470 9.49 -15.06 6.55
CA THR C 470 9.66 -13.64 6.92
C THR C 470 10.96 -13.03 6.42
N GLU C 471 11.51 -13.59 5.32
CA GLU C 471 12.75 -13.09 4.74
C GLU C 471 12.57 -11.71 4.11
N ILE C 472 13.68 -10.95 4.06
CA ILE C 472 13.65 -9.56 3.52
C ILE C 472 13.51 -9.61 2.01
N TYR C 473 12.58 -8.82 1.47
CA TYR C 473 12.32 -8.78 0.04
C TYR C 473 13.22 -7.78 -0.67
N GLN C 474 13.88 -8.25 -1.72
CA GLN C 474 14.77 -7.42 -2.51
C GLN C 474 14.02 -6.79 -3.68
N ALA C 475 13.92 -5.46 -3.68
CA ALA C 475 13.13 -4.77 -4.68
C ALA C 475 13.91 -4.50 -5.96
N GLY C 476 15.22 -4.31 -5.85
CA GLY C 476 16.02 -3.92 -7.01
C GLY C 476 17.12 -4.89 -7.34
N SER C 477 18.12 -4.44 -8.09
CA SER C 477 19.22 -5.32 -8.48
C SER C 477 20.27 -5.45 -7.34
N THR C 478 20.29 -4.49 -6.42
CA THR C 478 21.21 -4.48 -5.26
C THR C 478 20.83 -5.52 -4.18
N PRO C 479 21.79 -6.37 -3.73
CA PRO C 479 21.65 -7.48 -2.78
C PRO C 479 21.44 -7.02 -1.32
N CYS C 480 20.36 -7.51 -0.68
CA CYS C 480 20.05 -7.02 0.69
C CYS C 480 20.77 -7.85 1.75
N ASN C 481 21.09 -9.10 1.44
CA ASN C 481 21.82 -9.96 2.38
C ASN C 481 21.02 -10.26 3.64
N GLY C 482 19.70 -10.10 3.58
CA GLY C 482 18.87 -10.47 4.75
C GLY C 482 18.85 -9.41 5.85
N VAL C 483 19.25 -8.17 5.54
CA VAL C 483 19.17 -7.06 6.55
C VAL C 483 18.48 -5.86 5.89
N GLU C 484 17.33 -5.44 6.42
CA GLU C 484 16.57 -4.33 5.80
C GLU C 484 17.49 -3.12 5.62
N GLY C 485 17.28 -2.33 4.56
CA GLY C 485 18.13 -1.15 4.31
C GLY C 485 17.77 -0.45 3.02
N PHE C 486 18.69 -0.40 2.06
CA PHE C 486 18.46 0.29 0.80
C PHE C 486 17.68 -0.57 -0.17
N ASN C 487 16.50 -0.10 -0.54
CA ASN C 487 15.66 -0.75 -1.53
C ASN C 487 15.36 -2.22 -1.25
N CYS C 488 15.23 -2.57 0.04
CA CYS C 488 14.83 -3.95 0.47
C CYS C 488 13.98 -3.83 1.74
N TYR C 489 12.85 -4.53 1.83
CA TYR C 489 11.90 -4.32 2.92
C TYR C 489 11.40 -5.61 3.54
N PHE C 490 10.92 -5.50 4.78
CA PHE C 490 10.24 -6.60 5.43
C PHE C 490 8.89 -6.80 4.74
N PRO C 491 8.56 -8.02 4.31
CA PRO C 491 7.45 -8.38 3.44
C PRO C 491 6.05 -8.15 4.01
N LEU C 492 5.90 -7.92 5.30
CA LEU C 492 4.56 -7.78 5.88
C LEU C 492 4.25 -6.33 6.26
N GLN C 493 2.97 -6.04 6.45
CA GLN C 493 2.48 -4.72 6.84
C GLN C 493 1.32 -4.82 7.82
N SER C 494 0.96 -3.71 8.44
CA SER C 494 -0.10 -3.73 9.44
C SER C 494 -1.35 -2.97 9.04
N TYR C 495 -2.47 -3.62 9.13
CA TYR C 495 -3.74 -2.96 8.96
C TYR C 495 -4.00 -2.04 10.13
N GLY C 496 -4.00 -0.74 9.91
CA GLY C 496 -4.25 0.18 11.01
C GLY C 496 -5.73 0.31 11.30
N PHE C 497 -6.29 -0.67 12.00
CA PHE C 497 -7.71 -0.72 12.28
C PHE C 497 -8.06 0.18 13.48
N GLN C 498 -9.00 1.11 13.28
CA GLN C 498 -9.44 2.07 14.31
C GLN C 498 -10.97 2.15 14.31
N PRO C 499 -11.65 2.51 15.42
CA PRO C 499 -13.09 2.59 15.54
C PRO C 499 -13.71 3.60 14.60
N THR C 500 -12.90 4.52 14.10
CA THR C 500 -13.41 5.58 13.24
C THR C 500 -13.05 5.43 11.75
N ASN C 501 -12.58 4.26 11.34
CA ASN C 501 -12.27 4.04 9.93
C ASN C 501 -13.50 4.06 9.05
N GLY C 502 -13.32 4.47 7.79
CA GLY C 502 -14.41 4.40 6.83
C GLY C 502 -14.72 2.93 6.61
N VAL C 503 -15.92 2.65 6.13
CA VAL C 503 -16.36 1.26 6.01
C VAL C 503 -15.35 0.39 5.28
N GLY C 504 -14.78 0.92 4.21
CA GLY C 504 -13.81 0.17 3.42
C GLY C 504 -12.58 -0.24 4.24
N TYR C 505 -12.30 0.53 5.28
CA TYR C 505 -11.11 0.32 6.09
C TYR C 505 -11.42 -0.33 7.42
N GLN C 506 -12.66 -0.75 7.61
CA GLN C 506 -13.04 -1.46 8.81
C GLN C 506 -12.68 -2.93 8.64
N PRO C 507 -12.38 -3.64 9.73
CA PRO C 507 -12.03 -5.04 9.75
C PRO C 507 -13.23 -5.93 9.45
N TYR C 508 -12.99 -6.95 8.64
CA TYR C 508 -13.99 -7.97 8.36
C TYR C 508 -13.43 -9.35 8.62
N ARG C 509 -14.24 -10.18 9.25
CA ARG C 509 -13.84 -11.54 9.52
C ARG C 509 -14.36 -12.43 8.41
N VAL C 510 -13.47 -13.22 7.83
CA VAL C 510 -13.82 -14.04 6.68
C VAL C 510 -13.66 -15.51 6.96
N VAL C 511 -14.71 -16.28 6.67
CA VAL C 511 -14.67 -17.72 6.75
C VAL C 511 -15.02 -18.33 5.41
N VAL C 512 -14.14 -19.18 4.91
CA VAL C 512 -14.39 -19.83 3.63
C VAL C 512 -14.60 -21.31 3.80
N LEU C 513 -15.79 -21.78 3.44
CA LEU C 513 -16.11 -23.19 3.55
C LEU C 513 -15.97 -23.85 2.21
N SER C 514 -14.87 -24.59 2.06
CA SER C 514 -14.57 -25.30 0.79
C SER C 514 -15.24 -26.67 0.78
N PHE C 515 -15.96 -26.98 -0.28
CA PHE C 515 -16.70 -28.22 -0.40
C PHE C 515 -16.10 -29.14 -1.44
N GLU C 516 -16.04 -30.44 -1.11
CA GLU C 516 -15.46 -31.44 -2.05
C GLU C 516 -16.50 -32.53 -2.34
N ALA C 520 -16.17 -41.33 -3.27
CA ALA C 520 -15.73 -41.79 -1.95
C ALA C 520 -16.87 -41.60 -0.92
N PRO C 521 -16.79 -42.24 0.27
CA PRO C 521 -17.68 -42.07 1.42
C PRO C 521 -17.74 -40.64 1.97
N ALA C 522 -18.95 -40.17 2.23
CA ALA C 522 -19.18 -38.84 2.79
C ALA C 522 -19.28 -38.88 4.31
N THR C 523 -18.83 -37.82 4.99
CA THR C 523 -18.87 -37.79 6.46
C THR C 523 -19.61 -36.58 7.04
N VAL C 524 -19.84 -35.57 6.21
CA VAL C 524 -20.53 -34.37 6.67
C VAL C 524 -21.86 -34.19 5.97
N CYS C 525 -22.95 -34.60 6.64
CA CYS C 525 -24.29 -34.60 6.05
C CYS C 525 -25.17 -33.56 6.74
N GLY C 526 -26.25 -33.16 6.08
CA GLY C 526 -27.14 -32.15 6.63
C GLY C 526 -28.32 -32.79 7.37
C1 NAG D . -22.57 -17.20 17.44
C2 NAG D . -23.66 -18.26 17.36
C3 NAG D . -25.04 -17.67 17.59
C4 NAG D . -25.04 -16.94 18.93
C5 NAG D . -23.92 -15.91 18.96
C6 NAG D . -23.82 -15.24 20.33
C7 NAG D . -22.89 -19.99 15.82
C8 NAG D . -22.51 -20.24 14.40
N2 NAG D . -23.63 -18.90 16.05
O3 NAG D . -25.97 -18.76 17.62
O4 NAG D . -26.27 -16.25 19.22
O5 NAG D . -22.68 -16.53 18.68
O6 NAG D . -23.36 -16.21 21.29
O7 NAG D . -22.55 -20.74 16.72
C1 NAG D . -27.25 -16.33 18.17
C2 NAG D . -28.49 -17.00 18.77
C3 NAG D . -29.57 -17.13 17.71
C4 NAG D . -29.86 -15.74 17.17
C5 NAG D . -28.58 -15.12 16.63
C6 NAG D . -28.83 -13.70 16.13
C7 NAG D . -27.71 -18.40 20.55
C8 NAG D . -28.30 -17.46 21.55
N2 NAG D . -28.14 -18.29 19.31
O3 NAG D . -30.74 -17.71 18.28
O4 NAG D . -30.84 -15.82 16.13
O5 NAG D . -27.59 -15.05 17.66
O6 NAG D . -29.13 -12.86 17.24
O7 NAG D . -26.86 -19.23 20.87
C1 FUC D . -24.49 -16.55 22.11
C2 FUC D . -24.30 -17.94 22.69
C3 FUC D . -23.18 -17.92 23.72
C4 FUC D . -23.49 -16.87 24.77
C5 FUC D . -23.71 -15.52 24.12
C6 FUC D . -24.10 -14.47 25.16
O2 FUC D . -23.94 -18.84 21.64
O3 FUC D . -23.08 -19.21 24.34
O4 FUC D . -24.68 -17.24 25.47
O5 FUC D . -24.75 -15.60 23.14
#